data_4MK6
#
_entry.id   4MK6
#
_cell.length_a   77.039
_cell.length_b   77.039
_cell.length_c   142.027
_cell.angle_alpha   90.00
_cell.angle_beta   90.00
_cell.angle_gamma   120.00
#
_symmetry.space_group_name_H-M   'P 61 2 2'
#
loop_
_entity.id
_entity.type
_entity.pdbx_description
1 polymer 'Probable Dihydroxyacetone Kinase Regulator DHSK_reg'
2 non-polymer 1,2-ETHANEDIOL
3 water water
#
_entity_poly.entity_id   1
_entity_poly.type   'polypeptide(L)'
_entity_poly.pdbx_seq_one_letter_code
;SNA(MSE)AESLITKKAIAGGL(MSE)ELCQHKRFEKISIADITNICGLNRQTFYYHFTDKYDLLTWTYENDFFHCLADG
ITLGNWDKHVLK(MSE)LESIKENADFYKNTVSADASILSFCFSKLTNSLF(MSE)DLFEKIDTNATVNEADRVFYAEFF
SYGCSGVLIKWITRGFKEAPETIANQLFRLAKDTEFLANS(MSE)YREN
;
_entity_poly.pdbx_strand_id   A
#
# COMPACT_ATOMS: atom_id res chain seq x y z
N SER A 1 5.07 -25.82 -24.64
CA SER A 1 4.42 -25.79 -23.33
C SER A 1 3.88 -24.41 -23.02
N ASN A 2 3.51 -24.20 -21.75
CA ASN A 2 3.01 -22.91 -21.29
C ASN A 2 3.78 -22.42 -20.07
N ALA A 3 5.02 -22.89 -19.93
CA ALA A 3 5.87 -22.58 -18.79
C ALA A 3 6.07 -21.07 -18.54
N ALA A 5 4.43 -18.52 -19.97
CA ALA A 5 3.14 -17.83 -19.90
C ALA A 5 2.52 -17.94 -18.51
N GLU A 6 2.81 -19.04 -17.82
CA GLU A 6 2.25 -19.29 -16.50
C GLU A 6 3.24 -18.95 -15.38
N SER A 7 4.32 -18.26 -15.73
CA SER A 7 5.39 -17.96 -14.77
C SER A 7 5.12 -16.69 -13.96
N LEU A 8 5.88 -16.54 -12.88
CA LEU A 8 5.83 -15.32 -12.08
C LEU A 8 6.33 -14.13 -12.89
N ILE A 9 7.26 -14.40 -13.80
CA ILE A 9 7.78 -13.38 -14.72
C ILE A 9 6.67 -12.72 -15.53
N THR A 10 5.84 -13.54 -16.17
CA THR A 10 4.71 -13.04 -16.95
C THR A 10 3.73 -12.27 -16.06
N LYS A 11 3.49 -12.81 -14.86
CA LYS A 11 2.58 -12.19 -13.92
C LYS A 11 3.07 -10.80 -13.56
N LYS A 12 4.38 -10.66 -13.38
CA LYS A 12 4.97 -9.36 -13.05
C LYS A 12 4.92 -8.43 -14.26
N ALA A 13 5.05 -9.01 -15.45
CA ALA A 13 4.98 -8.23 -16.68
C ALA A 13 3.60 -7.64 -16.88
N ILE A 14 2.58 -8.34 -16.42
CA ILE A 14 1.19 -7.89 -16.51
C ILE A 14 0.95 -6.68 -15.60
N ALA A 15 1.45 -6.75 -14.37
CA ALA A 15 1.36 -5.61 -13.46
C ALA A 15 2.10 -4.42 -14.05
N GLY A 16 3.25 -4.68 -14.65
CA GLY A 16 4.04 -3.65 -15.30
C GLY A 16 3.31 -3.02 -16.47
N GLY A 17 2.52 -3.82 -17.18
CA GLY A 17 1.71 -3.31 -18.26
C GLY A 17 0.63 -2.36 -17.77
N LEU A 18 -0.03 -2.75 -16.67
CA LEU A 18 -1.06 -1.91 -16.07
C LEU A 18 -0.51 -0.55 -15.69
N GLU A 20 2.01 0.95 -16.87
CA GLU A 20 2.39 1.69 -18.06
C GLU A 20 1.17 2.36 -18.69
N LEU A 21 0.07 1.61 -18.81
CA LEU A 21 -1.18 2.13 -19.35
C LEU A 21 -1.72 3.30 -18.53
N CYS A 22 -1.61 3.19 -17.21
CA CYS A 22 -2.10 4.21 -16.29
C CYS A 22 -1.44 5.57 -16.49
N GLN A 23 -0.38 5.59 -17.29
CA GLN A 23 0.33 6.82 -17.61
C GLN A 23 -0.35 7.57 -18.76
N HIS A 24 -1.15 6.88 -19.55
CA HIS A 24 -1.78 7.48 -20.72
C HIS A 24 -3.29 7.40 -20.68
N LYS A 25 -3.82 6.54 -19.81
CA LYS A 25 -5.23 6.19 -19.85
C LYS A 25 -5.80 6.05 -18.44
N ARG A 26 -6.97 6.63 -18.20
CA ARG A 26 -7.64 6.50 -16.90
C ARG A 26 -7.92 5.04 -16.59
N PHE A 27 -7.73 4.66 -15.32
CA PHE A 27 -7.88 3.26 -14.91
C PHE A 27 -9.28 2.73 -15.21
N GLU A 28 -10.28 3.60 -15.13
CA GLU A 28 -11.66 3.22 -15.40
C GLU A 28 -11.85 2.78 -16.85
N LYS A 29 -11.06 3.35 -17.75
CA LYS A 29 -11.19 3.06 -19.18
C LYS A 29 -10.30 1.91 -19.63
N ILE A 30 -9.35 1.50 -18.80
CA ILE A 30 -8.47 0.38 -19.13
C ILE A 30 -9.25 -0.93 -19.15
N SER A 31 -9.12 -1.68 -20.25
CA SER A 31 -9.72 -3.01 -20.34
C SER A 31 -8.65 -4.09 -20.37
N ILE A 32 -9.07 -5.34 -20.23
CA ILE A 32 -8.18 -6.49 -20.27
C ILE A 32 -7.42 -6.52 -21.60
N ALA A 33 -8.16 -6.32 -22.69
CA ALA A 33 -7.59 -6.31 -24.02
C ALA A 33 -6.46 -5.29 -24.15
N ASP A 34 -6.63 -4.13 -23.53
CA ASP A 34 -5.57 -3.11 -23.49
C ASP A 34 -4.34 -3.63 -22.78
N ILE A 35 -4.56 -4.34 -21.68
CA ILE A 35 -3.48 -4.90 -20.87
C ILE A 35 -2.71 -5.99 -21.62
N THR A 36 -3.44 -6.97 -22.16
CA THR A 36 -2.81 -8.05 -22.93
C THR A 36 -2.13 -7.52 -24.19
N ASN A 37 -2.68 -6.46 -24.78
CA ASN A 37 -2.10 -5.85 -25.96
C ASN A 37 -0.73 -5.23 -25.70
N ILE A 38 -0.64 -4.43 -24.63
CA ILE A 38 0.62 -3.77 -24.30
C ILE A 38 1.64 -4.76 -23.75
N CYS A 39 1.15 -5.88 -23.23
CA CYS A 39 2.03 -6.92 -22.70
C CYS A 39 2.38 -7.95 -23.77
N GLY A 40 1.66 -7.89 -24.90
CA GLY A 40 1.90 -8.82 -25.99
C GLY A 40 1.50 -10.23 -25.63
N LEU A 41 0.41 -10.36 -24.87
CA LEU A 41 -0.09 -11.64 -24.43
C LEU A 41 -1.51 -11.86 -24.95
N ASN A 42 -2.08 -13.03 -24.67
CA ASN A 42 -3.47 -13.30 -25.03
C ASN A 42 -4.39 -13.28 -23.80
N ARG A 43 -5.70 -13.33 -24.02
CA ARG A 43 -6.66 -13.25 -22.91
C ARG A 43 -6.58 -14.43 -21.95
N GLN A 44 -6.42 -15.63 -22.49
CA GLN A 44 -6.33 -16.83 -21.66
C GLN A 44 -5.13 -16.80 -20.71
N THR A 45 -4.04 -16.15 -21.12
CA THR A 45 -2.87 -15.96 -20.27
C THR A 45 -3.19 -15.04 -19.08
N PHE A 46 -3.94 -13.97 -19.34
CA PHE A 46 -4.32 -13.03 -18.28
C PHE A 46 -5.16 -13.73 -17.22
N TYR A 47 -6.21 -14.41 -17.64
CA TYR A 47 -7.14 -15.04 -16.71
C TYR A 47 -6.54 -16.25 -15.99
N TYR A 48 -5.35 -16.68 -16.41
CA TYR A 48 -4.62 -17.70 -15.68
C TYR A 48 -4.10 -17.10 -14.37
N HIS A 49 -3.69 -15.84 -14.44
CA HIS A 49 -3.06 -15.17 -13.31
C HIS A 49 -4.06 -14.37 -12.46
N PHE A 50 -5.03 -13.74 -13.11
CA PHE A 50 -5.97 -12.86 -12.42
C PHE A 50 -7.42 -13.09 -12.83
N THR A 51 -8.34 -12.79 -11.92
CA THR A 51 -9.76 -12.93 -12.19
C THR A 51 -10.29 -11.71 -12.94
N ASP A 52 -9.72 -10.54 -12.61
N ASP A 52 -9.72 -10.54 -12.61
CA ASP A 52 -10.14 -9.28 -13.22
CA ASP A 52 -10.22 -9.26 -13.10
C ASP A 52 -9.08 -8.22 -12.99
C ASP A 52 -9.11 -8.21 -12.97
N LYS A 53 -9.36 -7.00 -13.46
CA LYS A 53 -8.37 -5.92 -13.36
C LYS A 53 -8.24 -5.36 -11.95
N TYR A 54 -9.25 -5.61 -11.13
CA TYR A 54 -9.20 -5.18 -9.73
C TYR A 54 -8.36 -6.15 -8.91
N ASP A 55 -8.43 -7.43 -9.27
CA ASP A 55 -7.57 -8.44 -8.68
C ASP A 55 -6.11 -8.11 -9.02
N LEU A 56 -5.86 -7.80 -10.30
CA LEU A 56 -4.54 -7.37 -10.76
C LEU A 56 -4.05 -6.14 -10.01
N LEU A 57 -4.91 -5.13 -9.89
CA LEU A 57 -4.55 -3.90 -9.18
C LEU A 57 -4.20 -4.19 -7.73
N THR A 58 -5.01 -5.02 -7.08
CA THR A 58 -4.77 -5.41 -5.70
C THR A 58 -3.42 -6.12 -5.58
N TRP A 59 -3.16 -7.04 -6.50
CA TRP A 59 -1.89 -7.76 -6.52
C TRP A 59 -0.72 -6.80 -6.75
N THR A 60 -0.90 -5.85 -7.66
CA THR A 60 0.12 -4.87 -7.99
C THR A 60 0.53 -4.05 -6.77
N TYR A 61 -0.46 -3.60 -5.99
CA TYR A 61 -0.20 -2.87 -4.75
C TYR A 61 0.56 -3.75 -3.78
N GLU A 62 0.07 -4.98 -3.59
CA GLU A 62 0.65 -5.92 -2.63
C GLU A 62 2.08 -6.30 -3.00
N ASN A 63 2.35 -6.42 -4.29
CA ASN A 63 3.69 -6.81 -4.74
C ASN A 63 4.54 -5.63 -5.18
N ASP A 64 4.14 -4.41 -4.82
CA ASP A 64 4.90 -3.23 -5.18
C ASP A 64 6.03 -3.00 -4.18
N PHE A 65 7.05 -2.28 -4.63
CA PHE A 65 8.25 -2.01 -3.84
C PHE A 65 7.93 -1.38 -2.49
N PHE A 66 6.86 -0.60 -2.44
CA PHE A 66 6.42 -0.01 -1.18
C PHE A 66 6.01 -1.12 -0.20
N HIS A 67 5.27 -2.11 -0.68
CA HIS A 67 4.78 -3.18 0.18
C HIS A 67 5.88 -4.17 0.56
N CYS A 68 6.76 -4.50 -0.38
CA CYS A 68 7.89 -5.37 -0.10
C CYS A 68 8.80 -4.77 0.97
N LEU A 69 9.04 -3.46 0.86
CA LEU A 69 9.83 -2.73 1.84
C LEU A 69 9.16 -2.71 3.21
N ALA A 70 7.84 -2.56 3.21
CA ALA A 70 7.10 -2.37 4.44
C ALA A 70 7.00 -3.62 5.32
N ASP A 71 6.97 -4.80 4.70
CA ASP A 71 6.89 -6.06 5.44
C ASP A 71 8.11 -6.28 6.34
N GLY A 72 9.27 -5.85 5.86
CA GLY A 72 10.50 -6.03 6.62
C GLY A 72 10.86 -4.86 7.51
N ILE A 73 9.87 -4.02 7.82
CA ILE A 73 10.10 -2.86 8.68
C ILE A 73 10.34 -3.27 10.14
N THR A 74 11.47 -2.83 10.70
CA THR A 74 11.75 -2.94 12.11
C THR A 74 11.79 -1.53 12.68
N LEU A 75 12.08 -1.39 13.97
CA LEU A 75 12.24 -0.07 14.57
C LEU A 75 13.59 0.52 14.15
N GLY A 76 14.56 -0.36 13.87
CA GLY A 76 15.89 0.08 13.49
C GLY A 76 15.97 0.64 12.08
N ASN A 77 15.15 0.10 11.18
CA ASN A 77 15.14 0.56 9.81
C ASN A 77 13.91 1.41 9.47
N TRP A 78 13.09 1.70 10.49
CA TRP A 78 11.83 2.42 10.31
C TRP A 78 12.00 3.69 9.51
N ASP A 79 12.80 4.62 10.05
CA ASP A 79 13.04 5.91 9.43
C ASP A 79 13.46 5.77 7.97
N LYS A 80 14.32 4.82 7.70
CA LYS A 80 14.86 4.61 6.36
C LYS A 80 13.88 3.88 5.44
N HIS A 81 13.17 2.90 5.97
CA HIS A 81 12.24 2.09 5.17
C HIS A 81 10.96 2.83 4.78
N VAL A 82 10.44 3.63 5.71
CA VAL A 82 9.22 4.41 5.45
C VAL A 82 9.49 5.45 4.38
N LEU A 83 10.60 6.17 4.54
CA LEU A 83 10.99 7.20 3.59
C LEU A 83 11.19 6.61 2.20
N LYS A 84 11.87 5.47 2.14
CA LYS A 84 12.12 4.77 0.88
C LYS A 84 10.80 4.32 0.25
N LEU A 86 7.83 5.74 0.56
CA LEU A 86 7.10 6.88 0.02
C LEU A 86 7.71 7.38 -1.29
N GLU A 87 9.04 7.40 -1.33
CA GLU A 87 9.77 7.80 -2.54
C GLU A 87 9.44 6.86 -3.71
N SER A 88 9.23 5.58 -3.41
CA SER A 88 8.90 4.59 -4.41
C SER A 88 7.50 4.82 -5.00
N ILE A 89 6.55 5.19 -4.15
CA ILE A 89 5.21 5.54 -4.59
C ILE A 89 5.24 6.78 -5.49
N LYS A 90 6.07 7.74 -5.12
CA LYS A 90 6.21 8.97 -5.89
C LYS A 90 6.89 8.73 -7.23
N GLU A 91 7.85 7.81 -7.26
CA GLU A 91 8.51 7.43 -8.50
C GLU A 91 7.49 6.87 -9.50
N ASN A 92 6.43 6.28 -8.96
CA ASN A 92 5.31 5.79 -9.76
C ASN A 92 4.07 6.67 -9.57
N ALA A 93 4.29 7.98 -9.55
CA ALA A 93 3.22 8.96 -9.28
C ALA A 93 1.99 8.78 -10.16
N ASP A 94 2.21 8.75 -11.48
CA ASP A 94 1.11 8.61 -12.42
C ASP A 94 0.24 7.38 -12.16
N PHE A 95 0.87 6.23 -11.95
CA PHE A 95 0.12 5.01 -11.67
C PHE A 95 -0.72 5.11 -10.42
N TYR A 96 -0.11 5.62 -9.34
CA TYR A 96 -0.82 5.72 -8.07
C TYR A 96 -1.92 6.77 -8.08
N LYS A 97 -1.60 7.97 -8.56
CA LYS A 97 -2.58 9.04 -8.62
C LYS A 97 -3.77 8.64 -9.49
N ASN A 98 -3.51 7.91 -10.56
CA ASN A 98 -4.58 7.43 -11.44
C ASN A 98 -5.50 6.43 -10.74
N THR A 99 -4.92 5.32 -10.26
CA THR A 99 -5.72 4.25 -9.68
C THR A 99 -6.41 4.63 -8.37
N VAL A 100 -5.75 5.44 -7.55
CA VAL A 100 -6.33 5.93 -6.30
C VAL A 100 -7.51 6.87 -6.55
N SER A 101 -7.39 7.72 -7.57
CA SER A 101 -8.49 8.62 -7.94
C SER A 101 -9.70 7.84 -8.46
N ALA A 102 -9.44 6.69 -9.07
CA ALA A 102 -10.51 5.83 -9.57
C ALA A 102 -11.24 5.12 -8.44
N ASP A 103 -10.47 4.60 -7.48
CA ASP A 103 -11.02 3.86 -6.35
C ASP A 103 -9.97 3.76 -5.23
N ALA A 104 -9.94 4.77 -4.36
CA ALA A 104 -8.95 4.86 -3.28
C ALA A 104 -9.11 3.78 -2.21
N SER A 105 -10.27 3.13 -2.17
CA SER A 105 -10.56 2.15 -1.13
C SER A 105 -9.67 0.92 -1.23
N ILE A 106 -9.21 0.60 -2.43
CA ILE A 106 -8.34 -0.55 -2.64
C ILE A 106 -6.97 -0.35 -2.00
N LEU A 107 -6.33 0.79 -2.29
CA LEU A 107 -5.04 1.09 -1.67
C LEU A 107 -5.20 1.34 -0.18
N SER A 108 -6.26 2.05 0.18
CA SER A 108 -6.54 2.36 1.58
C SER A 108 -6.63 1.08 2.43
N PHE A 109 -7.39 0.11 1.93
CA PHE A 109 -7.54 -1.18 2.60
C PHE A 109 -6.19 -1.88 2.75
N CYS A 110 -5.41 -1.88 1.66
CA CYS A 110 -4.11 -2.53 1.66
C CYS A 110 -3.14 -1.88 2.67
N PHE A 111 -3.08 -0.56 2.66
CA PHE A 111 -2.15 0.17 3.53
C PHE A 111 -2.59 0.13 5.00
N SER A 112 -3.90 0.07 5.23
CA SER A 112 -4.43 -0.01 6.59
C SER A 112 -4.12 -1.36 7.22
N LYS A 113 -4.23 -2.43 6.44
CA LYS A 113 -3.89 -3.77 6.89
C LYS A 113 -2.45 -3.80 7.38
N LEU A 114 -1.58 -3.20 6.58
CA LEU A 114 -0.14 -3.21 6.84
C LEU A 114 0.23 -2.39 8.07
N THR A 115 -0.30 -1.17 8.16
CA THR A 115 0.00 -0.29 9.29
C THR A 115 -0.63 -0.81 10.59
N ASN A 116 -1.79 -1.46 10.48
CA ASN A 116 -2.41 -2.12 11.62
C ASN A 116 -1.49 -3.19 12.19
N SER A 117 -1.04 -4.12 11.34
CA SER A 117 -0.12 -5.18 11.75
C SER A 117 1.16 -4.60 12.33
N LEU A 118 1.70 -3.59 11.66
CA LEU A 118 2.90 -2.89 12.12
C LEU A 118 2.74 -2.42 13.55
N PHE A 119 1.59 -1.82 13.84
CA PHE A 119 1.36 -1.27 15.17
C PHE A 119 1.13 -2.35 16.22
N ASP A 121 2.44 -5.33 16.06
CA ASP A 121 3.77 -5.91 16.24
C ASP A 121 4.58 -5.00 17.16
N LEU A 122 4.32 -3.70 17.04
CA LEU A 122 5.02 -2.70 17.84
C LEU A 122 4.67 -2.82 19.32
N PHE A 123 3.40 -3.06 19.61
CA PHE A 123 2.95 -3.27 20.98
C PHE A 123 3.69 -4.41 21.67
N GLU A 124 4.02 -5.45 20.90
CA GLU A 124 4.66 -6.64 21.45
C GLU A 124 6.13 -6.40 21.79
N LYS A 125 6.72 -5.38 21.16
CA LYS A 125 8.11 -5.01 21.44
C LYS A 125 8.21 -4.10 22.66
N ILE A 126 7.15 -3.32 22.92
CA ILE A 126 7.20 -2.28 23.96
C ILE A 126 6.20 -2.46 25.10
N ASP A 127 5.38 -3.51 25.06
CA ASP A 127 4.44 -3.77 26.14
C ASP A 127 4.45 -5.23 26.58
N THR A 128 5.61 -5.69 27.03
CA THR A 128 5.75 -7.04 27.58
C THR A 128 4.93 -7.15 28.87
N ASN A 129 4.72 -6.01 29.51
CA ASN A 129 3.96 -5.95 30.76
C ASN A 129 2.46 -6.08 30.60
N ALA A 130 2.01 -6.16 29.34
CA ALA A 130 0.59 -6.31 29.01
C ALA A 130 -0.31 -5.30 29.73
N THR A 131 0.16 -4.06 29.86
CA THR A 131 -0.60 -3.00 30.51
C THR A 131 -1.78 -2.58 29.64
N VAL A 132 -1.65 -2.82 28.34
CA VAL A 132 -2.70 -2.51 27.38
C VAL A 132 -3.41 -3.79 26.97
N ASN A 133 -4.69 -3.92 27.32
CA ASN A 133 -5.46 -5.10 26.94
C ASN A 133 -5.63 -5.22 25.43
N GLU A 134 -6.12 -6.36 24.96
CA GLU A 134 -6.19 -6.62 23.53
C GLU A 134 -7.22 -5.72 22.84
N ALA A 135 -8.33 -5.46 23.53
CA ALA A 135 -9.37 -4.59 22.99
C ALA A 135 -8.84 -3.20 22.68
N ASP A 136 -8.00 -2.68 23.56
CA ASP A 136 -7.45 -1.34 23.41
C ASP A 136 -6.28 -1.29 22.43
N ARG A 137 -5.48 -2.36 22.37
CA ARG A 137 -4.43 -2.47 21.36
C ARG A 137 -5.04 -2.45 19.97
N VAL A 138 -6.09 -3.25 19.78
CA VAL A 138 -6.81 -3.31 18.52
C VAL A 138 -7.42 -1.96 18.17
N PHE A 139 -8.09 -1.33 19.13
CA PHE A 139 -8.71 -0.02 18.90
C PHE A 139 -7.69 1.02 18.42
N TYR A 140 -6.55 1.10 19.09
CA TYR A 140 -5.55 2.10 18.72
C TYR A 140 -4.73 1.73 17.49
N ALA A 141 -4.51 0.44 17.26
CA ALA A 141 -3.86 0.01 16.02
C ALA A 141 -4.70 0.41 14.81
N GLU A 142 -6.01 0.23 14.93
CA GLU A 142 -6.94 0.60 13.87
C GLU A 142 -6.97 2.11 13.65
N PHE A 143 -7.08 2.87 14.74
CA PHE A 143 -7.02 4.33 14.68
C PHE A 143 -5.74 4.78 13.96
N PHE A 144 -4.61 4.19 14.33
CA PHE A 144 -3.35 4.47 13.67
C PHE A 144 -3.42 4.12 12.19
N SER A 145 -3.99 2.95 11.88
CA SER A 145 -4.07 2.50 10.49
C SER A 145 -4.94 3.43 9.65
N TYR A 146 -6.00 3.94 10.25
CA TYR A 146 -6.89 4.86 9.53
C TYR A 146 -6.16 6.16 9.19
N GLY A 147 -5.37 6.64 10.15
CA GLY A 147 -4.61 7.87 9.95
C GLY A 147 -3.54 7.74 8.89
N CYS A 148 -2.79 6.65 8.92
CA CYS A 148 -1.75 6.39 7.93
C CYS A 148 -2.31 6.37 6.53
N SER A 149 -3.42 5.67 6.34
CA SER A 149 -4.09 5.62 5.04
C SER A 149 -4.63 6.98 4.62
N GLY A 150 -5.24 7.70 5.56
CA GLY A 150 -5.76 9.02 5.29
C GLY A 150 -4.68 9.97 4.79
N VAL A 151 -3.52 9.92 5.45
CA VAL A 151 -2.38 10.73 5.06
C VAL A 151 -1.83 10.32 3.70
N LEU A 152 -1.71 9.00 3.47
CA LEU A 152 -1.18 8.50 2.22
C LEU A 152 -2.07 8.84 1.03
N ILE A 153 -3.35 8.51 1.14
CA ILE A 153 -4.32 8.78 0.09
C ILE A 153 -4.40 10.28 -0.24
N LYS A 154 -4.38 11.11 0.80
CA LYS A 154 -4.46 12.56 0.61
C LYS A 154 -3.25 13.06 -0.17
N TRP A 155 -2.07 12.60 0.24
CA TRP A 155 -0.81 12.98 -0.40
C TRP A 155 -0.81 12.64 -1.89
N ILE A 156 -1.24 11.42 -2.20
CA ILE A 156 -1.35 10.94 -3.57
C ILE A 156 -2.40 11.71 -4.37
N THR A 157 -3.60 11.81 -3.81
CA THR A 157 -4.73 12.51 -4.43
C THR A 157 -4.41 13.95 -4.80
N ARG A 158 -3.69 14.64 -3.92
CA ARG A 158 -3.39 16.06 -4.14
C ARG A 158 -2.14 16.30 -4.98
N GLY A 159 -1.57 15.21 -5.52
CA GLY A 159 -0.47 15.34 -6.46
C GLY A 159 0.93 15.37 -5.88
N PHE A 160 1.12 14.70 -4.74
CA PHE A 160 2.45 14.57 -4.12
C PHE A 160 3.12 15.91 -3.86
N LYS A 161 2.39 16.85 -3.26
CA LYS A 161 2.91 18.19 -3.03
C LYS A 161 4.03 18.21 -1.99
N GLU A 162 3.72 17.75 -0.78
CA GLU A 162 4.71 17.70 0.29
C GLU A 162 5.89 16.78 -0.05
N ALA A 163 7.06 17.10 0.49
CA ALA A 163 8.22 16.23 0.35
C ALA A 163 7.95 14.91 1.05
N PRO A 164 8.52 13.81 0.52
CA PRO A 164 8.35 12.48 1.10
C PRO A 164 8.78 12.45 2.56
N GLU A 165 9.87 13.14 2.87
CA GLU A 165 10.37 13.25 4.24
C GLU A 165 9.35 13.90 5.18
N THR A 166 8.54 14.81 4.65
CA THR A 166 7.50 15.48 5.43
C THR A 166 6.37 14.50 5.76
N ILE A 167 5.96 13.71 4.77
CA ILE A 167 4.92 12.70 4.99
C ILE A 167 5.42 11.63 5.96
N ALA A 168 6.69 11.24 5.79
CA ALA A 168 7.34 10.29 6.67
C ALA A 168 7.27 10.73 8.12
N ASN A 169 7.46 12.02 8.36
CA ASN A 169 7.40 12.57 9.72
C ASN A 169 5.98 12.63 10.27
N GLN A 170 5.00 12.80 9.40
CA GLN A 170 3.60 12.80 9.83
C GLN A 170 3.17 11.41 10.27
N LEU A 171 3.57 10.40 9.51
CA LEU A 171 3.28 9.01 9.86
C LEU A 171 3.92 8.63 11.19
N PHE A 172 5.14 9.11 11.42
CA PHE A 172 5.80 8.90 12.70
C PHE A 172 5.03 9.58 13.83
N ARG A 173 4.57 10.81 13.56
CA ARG A 173 3.82 11.56 14.54
C ARG A 173 2.57 10.79 14.96
N LEU A 174 1.91 10.19 13.99
CA LEU A 174 0.73 9.36 14.26
C LEU A 174 1.10 8.16 15.13
N ALA A 175 2.29 7.60 14.90
CA ALA A 175 2.77 6.47 15.68
C ALA A 175 3.10 6.89 17.10
N LYS A 176 3.80 8.01 17.23
CA LYS A 176 4.15 8.57 18.53
C LYS A 176 2.89 8.94 19.32
N ASP A 177 1.91 9.52 18.63
CA ASP A 177 0.67 9.97 19.28
C ASP A 177 -0.24 8.82 19.70
N THR A 178 -0.30 7.78 18.86
CA THR A 178 -1.14 6.62 19.15
C THR A 178 -0.62 5.81 20.34
N GLU A 179 0.70 5.61 20.40
CA GLU A 179 1.32 4.92 21.54
C GLU A 179 1.03 5.68 22.82
N PHE A 180 1.13 7.01 22.74
CA PHE A 180 0.88 7.89 23.88
C PHE A 180 -0.57 7.77 24.37
N LEU A 181 -1.51 7.75 23.43
CA LEU A 181 -2.92 7.55 23.75
C LEU A 181 -3.14 6.20 24.41
N ALA A 182 -2.57 5.16 23.81
CA ALA A 182 -2.71 3.80 24.31
C ALA A 182 -2.17 3.65 25.73
N ASN A 183 -1.27 4.55 26.12
CA ASN A 183 -0.74 4.56 27.48
C ASN A 183 -1.19 5.78 28.28
N SER A 184 -2.36 6.32 27.94
CA SER A 184 -2.93 7.46 28.66
C SER A 184 -4.45 7.40 28.74
N TYR A 186 -6.55 6.29 31.20
CA TYR A 186 -7.10 6.77 32.46
C TYR A 186 -6.40 8.08 32.87
N ARG A 187 -6.45 9.07 31.99
CA ARG A 187 -5.79 10.35 32.24
C ARG A 187 -6.53 11.18 33.29
N GLU A 188 -7.85 11.10 33.28
CA GLU A 188 -8.68 11.85 34.23
C GLU A 188 -8.89 11.06 35.52
#